data_3DFX
#
_entry.id   3DFX
#
_cell.length_a   128.882
_cell.length_b   30.370
_cell.length_c   75.648
_cell.angle_alpha   90.000
_cell.angle_beta   93.820
_cell.angle_gamma   90.000
#
_symmetry.space_group_name_H-M   'C 1 2 1'
#
loop_
_entity.id
_entity.type
_entity.pdbx_description
1 polymer "DNA (5'-D(*DTP*DTP*DGP*DAP*DTP*DAP*DAP*DAP*DTP*DCP*DAP*DGP*DAP*DGP*DAP*DTP*DAP*DAP*DCP*DC)-3')"
2 polymer "DNA (5'-D(*DAP*DAP*DGP*DGP*DTP*DTP*DAP*DTP*DCP*DTP*DCP*DTP*DGP*DAP*DTP*DTP*DTP*DAP*DTP*DC)-3')"
3 polymer 'Trans-acting T-cell-specific transcription factor GATA-3'
4 non-polymer 'ZINC ION'
#
loop_
_entity_poly.entity_id
_entity_poly.type
_entity_poly.pdbx_seq_one_letter_code
_entity_poly.pdbx_strand_id
1 'polydeoxyribonucleotide' (DT)(DT)(DG)(DA)(DT)(DA)(DA)(DA)(DT)(DC)(DA)(DG)(DA)(DG)(DA)(DT)(DA)(DA)(DC)(DC) X
2 'polydeoxyribonucleotide' (DA)(DA)(DG)(DG)(DT)(DT)(DA)(DT)(DC)(DT)(DC)(DT)(DG)(DA)(DT)(DT)(DT)(DA)(DT)(DC) Y
3 'polypeptide(L)' SAARRAGTSCANCQTTTTTLWRRNANGDPVCNACGLYYKLHNINRPLTMKKEGIQTRNRKMSS A,B
#
loop_
_chem_comp.id
_chem_comp.type
_chem_comp.name
_chem_comp.formula
DA DNA linking 2'-DEOXYADENOSINE-5'-MONOPHOSPHATE 'C10 H14 N5 O6 P'
DC DNA linking 2'-DEOXYCYTIDINE-5'-MONOPHOSPHATE 'C9 H14 N3 O7 P'
DG DNA linking 2'-DEOXYGUANOSINE-5'-MONOPHOSPHATE 'C10 H14 N5 O7 P'
DT DNA linking THYMIDINE-5'-MONOPHOSPHATE 'C10 H15 N2 O8 P'
ZN non-polymer 'ZINC ION' 'Zn 2'
#
# COMPACT_ATOMS: atom_id res chain seq x y z
N SER C 1 -9.30 -10.76 3.73
CA SER C 1 -8.21 -10.88 4.74
C SER C 1 -8.57 -10.18 6.05
N ALA C 2 -7.55 -9.72 6.78
CA ALA C 2 -7.74 -9.03 8.06
C ALA C 2 -8.23 -7.58 7.91
N ALA C 3 -9.36 -7.29 8.55
CA ALA C 3 -9.98 -5.96 8.53
C ALA C 3 -9.86 -5.25 9.90
N ARG C 4 -9.46 -6.00 10.92
CA ARG C 4 -9.31 -5.48 12.29
C ARG C 4 -7.90 -4.95 12.60
N ARG C 5 -7.71 -4.46 13.82
CA ARG C 5 -6.42 -3.95 14.29
C ARG C 5 -6.52 -3.61 15.78
N ALA C 6 -5.43 -3.87 16.52
CA ALA C 6 -5.38 -3.63 17.96
C ALA C 6 -5.77 -2.21 18.37
N GLY C 7 -6.86 -2.10 19.14
CA GLY C 7 -7.35 -0.83 19.64
C GLY C 7 -7.74 0.25 18.64
N THR C 8 -8.63 -0.07 17.70
CA THR C 8 -9.05 0.92 16.71
C THR C 8 -10.45 0.71 16.08
N SER C 9 -11.14 1.85 15.98
CA SER C 9 -12.48 2.00 15.44
C SER C 9 -12.48 3.39 14.78
N CYS C 10 -13.33 3.58 13.77
CA CYS C 10 -13.38 4.83 13.03
C CYS C 10 -13.75 6.06 13.83
N ALA C 11 -13.05 7.16 13.54
CA ALA C 11 -13.30 8.43 14.21
C ALA C 11 -14.43 9.19 13.51
N ASN C 12 -15.50 8.47 13.16
CA ASN C 12 -16.65 9.06 12.49
C ASN C 12 -17.86 8.12 12.56
N CYS C 13 -17.72 6.90 12.02
CA CYS C 13 -18.82 5.94 12.05
C CYS C 13 -18.61 4.80 13.06
N GLN C 14 -17.45 4.82 13.74
CA GLN C 14 -17.09 3.86 14.80
C GLN C 14 -17.02 2.38 14.47
N THR C 15 -16.62 2.07 13.24
CA THR C 15 -16.52 0.69 12.77
C THR C 15 -15.19 0.10 13.27
N THR C 16 -15.14 -1.23 13.39
CA THR C 16 -13.93 -1.92 13.83
C THR C 16 -13.41 -2.89 12.77
N THR C 17 -14.09 -2.94 11.63
CA THR C 17 -13.70 -3.83 10.53
C THR C 17 -13.66 -3.09 9.19
N THR C 18 -12.45 -2.83 8.68
CA THR C 18 -12.30 -2.17 7.37
C THR C 18 -11.18 -2.82 6.54
N THR C 19 -11.47 -3.09 5.28
CA THR C 19 -10.49 -3.69 4.40
C THR C 19 -9.20 -2.85 4.40
N LEU C 20 -9.28 -1.57 4.81
CA LEU C 20 -8.10 -0.68 4.83
C LEU C 20 -8.25 0.59 5.68
N TRP C 21 -7.36 0.77 6.67
CA TRP C 21 -7.43 1.95 7.52
C TRP C 21 -6.86 3.23 6.93
N ARG C 22 -7.70 4.27 6.84
CA ARG C 22 -7.27 5.59 6.34
C ARG C 22 -7.04 6.54 7.52
N ARG C 23 -7.04 7.85 7.30
CA ARG C 23 -6.74 8.75 8.39
C ARG C 23 -7.16 10.22 8.10
N ASN C 24 -8.08 10.77 8.90
CA ASN C 24 -8.58 12.15 8.70
C ASN C 24 -7.56 13.26 8.94
N ALA C 25 -7.93 14.51 8.62
CA ALA C 25 -6.98 15.65 8.76
C ALA C 25 -6.51 15.92 10.19
N ASN C 26 -7.18 15.33 11.17
CA ASN C 26 -6.79 15.51 12.56
C ASN C 26 -5.92 14.32 13.00
N GLY C 27 -5.49 13.52 12.03
CA GLY C 27 -4.64 12.36 12.29
C GLY C 27 -5.34 11.15 12.90
N ASP C 28 -6.66 11.18 12.90
CA ASP C 28 -7.44 10.09 13.50
C ASP C 28 -7.86 8.92 12.59
N PRO C 29 -7.68 7.70 13.08
CA PRO C 29 -8.04 6.49 12.34
C PRO C 29 -9.47 6.38 11.77
N VAL C 30 -9.71 6.78 10.51
CA VAL C 30 -11.05 6.63 9.93
C VAL C 30 -11.01 5.42 9.02
N CYS C 31 -12.13 4.80 8.71
CA CYS C 31 -12.10 3.64 7.81
C CYS C 31 -12.14 4.02 6.32
N ASN C 32 -12.19 2.99 5.46
CA ASN C 32 -12.21 3.17 4.02
C ASN C 32 -13.28 4.15 3.58
N ALA C 33 -14.54 3.69 3.69
CA ALA C 33 -15.73 4.45 3.33
C ALA C 33 -15.78 5.87 3.90
N CYS C 34 -15.15 6.05 5.05
CA CYS C 34 -15.11 7.39 5.64
C CYS C 34 -14.00 8.18 4.96
N GLY C 35 -12.84 7.56 4.79
CA GLY C 35 -11.74 8.24 4.13
C GLY C 35 -12.11 8.57 2.70
N LEU C 36 -12.70 7.61 2.00
CA LEU C 36 -13.04 7.86 0.61
C LEU C 36 -14.14 8.94 0.52
N TYR C 37 -15.31 8.65 1.10
CA TYR C 37 -16.44 9.58 1.10
C TYR C 37 -16.05 11.02 1.42
N TYR C 38 -15.18 11.21 2.41
CA TYR C 38 -14.76 12.56 2.74
C TYR C 38 -13.91 13.15 1.61
N LYS C 39 -12.87 12.43 1.19
CA LYS C 39 -12.00 12.90 0.13
C LYS C 39 -12.80 13.42 -1.08
N LEU C 40 -13.89 12.72 -1.39
CA LEU C 40 -14.75 13.05 -2.52
C LEU C 40 -15.66 14.28 -2.39
N HIS C 41 -16.59 14.21 -1.45
CA HIS C 41 -17.57 15.29 -1.19
C HIS C 41 -17.08 16.41 -0.30
N ASN C 42 -16.14 16.11 0.59
CA ASN C 42 -15.56 17.09 1.52
C ASN C 42 -16.43 17.50 2.69
N ILE C 43 -17.31 16.50 3.06
CA ILE C 43 -18.16 16.59 4.26
C ILE C 43 -18.24 15.14 4.80
N ASN C 44 -18.13 14.98 6.11
CA ASN C 44 -18.18 13.64 6.73
C ASN C 44 -19.23 12.70 6.16
N ARG C 45 -18.96 11.40 6.29
CA ARG C 45 -19.88 10.37 5.80
C ARG C 45 -21.02 10.34 6.82
N PRO C 46 -22.30 10.35 6.35
CA PRO C 46 -23.50 10.32 7.19
C PRO C 46 -23.79 8.95 7.81
N LEU C 47 -23.95 8.92 9.12
CA LEU C 47 -24.21 7.67 9.84
C LEU C 47 -25.45 6.93 9.32
N THR C 48 -26.33 7.65 8.62
CA THR C 48 -27.54 7.06 8.03
C THR C 48 -27.09 6.21 6.85
N MET C 49 -25.92 6.56 6.33
CA MET C 49 -25.32 5.90 5.19
C MET C 49 -24.44 4.72 5.64
N LYS C 50 -24.64 4.23 6.86
CA LYS C 50 -23.87 3.11 7.38
C LYS C 50 -24.61 1.78 7.20
N LYS C 51 -24.04 0.90 6.39
CA LYS C 51 -24.64 -0.40 6.11
C LYS C 51 -24.45 -1.39 7.25
N GLU C 52 -24.45 -2.67 6.91
CA GLU C 52 -24.30 -3.75 7.88
C GLU C 52 -22.90 -4.35 7.89
N GLY C 53 -22.30 -4.47 6.71
CA GLY C 53 -20.96 -5.05 6.62
C GLY C 53 -20.11 -4.58 5.45
N ILE C 54 -19.27 -5.49 4.95
CA ILE C 54 -18.37 -5.20 3.84
C ILE C 54 -18.59 -6.22 2.72
N GLN C 55 -18.22 -5.85 1.49
CA GLN C 55 -18.40 -6.72 0.33
C GLN C 55 -17.08 -7.12 -0.35
N THR C 56 -17.20 -7.85 -1.45
CA THR C 56 -16.04 -8.28 -2.22
C THR C 56 -16.27 -7.92 -3.69
N ARG C 57 -15.19 -7.88 -4.47
CA ARG C 57 -15.28 -7.55 -5.90
C ARG C 57 -14.21 -8.30 -6.70
N ASN C 58 -14.60 -8.78 -7.89
CA ASN C 58 -13.69 -9.52 -8.78
C ASN C 58 -12.97 -10.65 -8.05
N SER D 1 4.18 -13.54 0.39
CA SER D 1 3.14 -13.13 -0.60
C SER D 1 3.58 -13.24 -2.07
N ALA D 2 2.85 -12.53 -2.94
CA ALA D 2 3.11 -12.51 -4.38
C ALA D 2 4.41 -11.76 -4.71
N ALA D 3 5.41 -12.46 -5.22
CA ALA D 3 6.66 -11.77 -5.55
C ALA D 3 6.79 -11.42 -7.04
N ARG D 4 6.00 -12.06 -7.89
CA ARG D 4 6.04 -11.82 -9.35
C ARG D 4 4.80 -11.09 -9.85
N ARG D 5 4.92 -10.48 -11.02
CA ARG D 5 3.80 -9.79 -11.63
C ARG D 5 3.95 -9.96 -13.14
N ALA D 6 2.92 -10.46 -13.80
CA ALA D 6 3.02 -10.67 -15.23
C ALA D 6 3.49 -9.42 -15.96
N GLY D 7 4.29 -9.63 -16.99
CA GLY D 7 4.81 -8.54 -17.79
C GLY D 7 5.72 -7.57 -17.08
N THR D 8 6.22 -7.90 -15.89
CA THR D 8 7.11 -6.95 -15.26
C THR D 8 8.41 -7.53 -14.69
N SER D 9 9.44 -6.71 -14.80
CA SER D 9 10.77 -7.03 -14.34
C SER D 9 11.39 -5.68 -13.98
N CYS D 10 12.46 -5.72 -13.20
CA CYS D 10 13.13 -4.49 -12.77
C CYS D 10 13.95 -3.87 -13.88
N ALA D 11 13.70 -2.59 -14.17
CA ALA D 11 14.45 -1.92 -15.25
C ALA D 11 15.92 -1.77 -14.93
N ASN D 12 16.26 -1.75 -13.64
CA ASN D 12 17.65 -1.60 -13.23
C ASN D 12 18.50 -2.86 -13.04
N CYS D 13 17.93 -3.93 -12.52
CA CYS D 13 18.71 -5.14 -12.28
C CYS D 13 18.17 -6.38 -12.99
N GLN D 14 17.03 -6.20 -13.67
CA GLN D 14 16.38 -7.26 -14.44
C GLN D 14 15.70 -8.40 -13.66
N THR D 15 15.67 -8.31 -12.33
CA THR D 15 15.01 -9.36 -11.56
C THR D 15 13.52 -9.39 -11.83
N THR D 16 12.92 -10.56 -11.64
CA THR D 16 11.49 -10.72 -11.85
C THR D 16 10.74 -10.94 -10.51
N THR D 17 11.46 -10.90 -9.41
CA THR D 17 10.85 -11.09 -8.11
C THR D 17 11.18 -9.98 -7.12
N THR D 18 10.18 -9.55 -6.36
CA THR D 18 10.41 -8.50 -5.38
C THR D 18 9.30 -8.44 -4.33
N THR D 19 9.61 -7.79 -3.22
CA THR D 19 8.67 -7.66 -2.11
C THR D 19 7.68 -6.53 -2.43
N LEU D 20 8.10 -5.60 -3.28
CA LEU D 20 7.24 -4.47 -3.65
C LEU D 20 7.83 -3.69 -4.81
N TRP D 21 6.86 -3.75 -5.94
CA TRP D 21 7.25 -3.11 -7.19
C TRP D 21 7.15 -1.60 -7.02
N ARG D 22 8.21 -0.91 -7.38
CA ARG D 22 8.26 0.55 -7.28
C ARG D 22 8.43 1.07 -8.70
N ARG D 23 8.67 2.37 -8.85
CA ARG D 23 8.83 2.97 -10.18
C ARG D 23 10.03 3.90 -10.18
N ASN D 24 10.74 3.98 -11.29
CA ASN D 24 11.87 4.89 -11.35
C ASN D 24 11.30 6.20 -11.91
N ALA D 25 12.13 7.21 -12.06
CA ALA D 25 11.65 8.50 -12.56
C ALA D 25 11.14 8.45 -13.99
N ASN D 26 11.61 7.47 -14.74
CA ASN D 26 11.21 7.28 -16.13
C ASN D 26 9.84 6.58 -16.22
N GLY D 27 9.33 6.10 -15.09
CA GLY D 27 8.05 5.42 -15.11
C GLY D 27 8.13 3.91 -15.27
N ASP D 28 9.35 3.36 -15.27
CA ASP D 28 9.52 1.91 -15.41
C ASP D 28 9.44 1.21 -14.07
N PRO D 29 8.96 -0.04 -14.05
CA PRO D 29 8.92 -0.72 -12.76
C PRO D 29 10.34 -1.05 -12.34
N VAL D 30 10.62 -0.97 -11.04
CA VAL D 30 11.94 -1.34 -10.50
C VAL D 30 11.61 -2.08 -9.24
N CYS D 31 12.48 -3.00 -8.83
CA CYS D 31 12.26 -3.79 -7.63
C CYS D 31 12.43 -2.95 -6.39
N ASN D 32 12.00 -3.47 -5.26
CA ASN D 32 12.10 -2.74 -4.00
C ASN D 32 13.55 -2.30 -3.69
N ALA D 33 14.51 -3.23 -3.80
CA ALA D 33 15.90 -2.90 -3.52
C ALA D 33 16.44 -1.78 -4.39
N CYS D 34 16.21 -1.85 -5.69
CA CYS D 34 16.70 -0.84 -6.59
C CYS D 34 16.03 0.51 -6.36
N GLY D 35 14.73 0.50 -6.11
CA GLY D 35 14.04 1.76 -5.87
C GLY D 35 14.53 2.46 -4.63
N LEU D 36 14.70 1.69 -3.56
CA LEU D 36 15.15 2.27 -2.31
C LEU D 36 16.61 2.73 -2.39
N TYR D 37 17.44 1.96 -3.08
CA TYR D 37 18.84 2.32 -3.22
C TYR D 37 18.97 3.64 -3.95
N TYR D 38 18.21 3.83 -5.02
CA TYR D 38 18.32 5.07 -5.75
C TYR D 38 17.87 6.24 -4.90
N LYS D 39 16.79 6.08 -4.14
CA LYS D 39 16.29 7.17 -3.30
C LYS D 39 17.34 7.59 -2.29
N LEU D 40 18.09 6.65 -1.74
CA LEU D 40 19.10 6.95 -0.75
C LEU D 40 20.39 7.51 -1.32
N HIS D 41 20.81 7.02 -2.48
CA HIS D 41 22.09 7.42 -3.07
C HIS D 41 22.08 8.32 -4.28
N ASN D 42 20.92 8.44 -4.93
CA ASN D 42 20.76 9.22 -6.14
C ASN D 42 21.56 8.65 -7.31
N ILE D 43 21.92 7.38 -7.21
CA ILE D 43 22.58 6.68 -8.30
C ILE D 43 21.94 5.31 -8.33
N ASN D 44 21.97 4.67 -9.49
CA ASN D 44 21.38 3.35 -9.67
C ASN D 44 22.12 2.30 -8.88
N ARG D 45 21.42 1.29 -8.38
CA ARG D 45 22.08 0.22 -7.63
C ARG D 45 22.91 -0.56 -8.64
N PRO D 46 24.20 -0.79 -8.35
CA PRO D 46 25.05 -1.54 -9.28
C PRO D 46 24.71 -3.03 -9.38
N LEU D 47 24.98 -3.62 -10.54
CA LEU D 47 24.69 -5.04 -10.75
C LEU D 47 25.49 -5.90 -9.77
N THR D 48 26.61 -5.38 -9.28
CA THR D 48 27.42 -6.14 -8.33
C THR D 48 26.66 -6.43 -7.03
N MET D 49 25.59 -5.68 -6.77
CA MET D 49 24.83 -5.87 -5.54
C MET D 49 23.67 -6.83 -5.68
N LYS D 50 23.43 -7.28 -6.90
CA LYS D 50 22.35 -8.22 -7.14
C LYS D 50 22.62 -9.58 -6.47
N LYS D 51 21.65 -10.05 -5.68
CA LYS D 51 21.78 -11.32 -4.96
C LYS D 51 20.84 -12.42 -5.45
N GLU D 52 21.20 -13.65 -5.14
CA GLU D 52 20.43 -14.84 -5.53
C GLU D 52 18.99 -14.89 -4.99
N GLY D 53 18.81 -14.61 -3.71
CA GLY D 53 17.46 -14.66 -3.16
C GLY D 53 17.02 -13.40 -2.42
N ILE D 54 15.85 -13.50 -1.79
CA ILE D 54 15.28 -12.39 -1.02
C ILE D 54 15.12 -12.90 0.41
N GLN D 55 15.58 -12.10 1.38
CA GLN D 55 15.49 -12.50 2.79
C GLN D 55 14.16 -12.14 3.45
N THR D 56 13.86 -12.77 4.58
CA THR D 56 12.64 -12.44 5.29
C THR D 56 13.10 -11.91 6.63
N ARG D 57 12.24 -11.14 7.30
CA ARG D 57 12.59 -10.56 8.59
C ARG D 57 11.49 -10.66 9.65
N ASN D 58 11.91 -10.76 10.92
CA ASN D 58 11.04 -10.85 12.10
C ASN D 58 9.60 -11.21 11.83
ZN ZN E . -16.35 4.50 9.49
ZN ZN F . 16.24 -4.39 -9.22
#